data_3QS2
#
_entry.id   3QS2
#
_cell.length_a   46.860
_cell.length_b   72.080
_cell.length_c   108.320
_cell.angle_alpha   90.00
_cell.angle_beta   90.00
_cell.angle_gamma   90.00
#
_symmetry.space_group_name_H-M   'P 21 21 21'
#
loop_
_entity.id
_entity.type
_entity.pdbx_description
1 polymer 'Fimbrillin matB homolog'
2 non-polymer 'IODIDE ION'
3 water water
#
_entity_poly.entity_id   1
_entity_poly.type   'polypeptide(L)'
_entity_poly.pdbx_seq_one_letter_code
;MAHHHHHHVDDDDKMADVTAQAVATWSATAKKDTTSKLVVTPLGSLAFQYAEGIKGFNSQKGLFDVAIEGDSTATAFKLT
SRLITNTLTQLDTSGSTLNVGVDYNGTAVEKTGDTVMIDTANGVLGGNLSPLANGYNASNRTTAQDGFTFSIISGTTNGT
TAVTDYSTLPEGIWSGDVSVQFDATWTS
;
_entity_poly.pdbx_strand_id   A,B
#
loop_
_chem_comp.id
_chem_comp.type
_chem_comp.name
_chem_comp.formula
IOD non-polymer 'IODIDE ION' 'I -1'
#
# COMPACT_ATOMS: atom_id res chain seq x y z
N ALA A 16 -31.62 10.46 15.30
CA ALA A 16 -30.24 10.09 15.72
C ALA A 16 -29.25 10.45 14.61
N ASP A 17 -27.98 10.58 14.99
CA ASP A 17 -26.91 10.84 14.03
C ASP A 17 -26.79 9.66 13.05
N VAL A 18 -26.25 9.92 11.86
CA VAL A 18 -25.85 8.87 10.94
C VAL A 18 -24.33 8.81 11.04
N THR A 19 -23.78 7.61 11.17
CA THR A 19 -22.33 7.47 11.29
C THR A 19 -21.81 6.43 10.32
N ALA A 20 -20.55 6.59 9.91
CA ALA A 20 -19.89 5.62 9.04
C ALA A 20 -18.41 5.59 9.35
N GLN A 21 -17.77 4.46 9.03
CA GLN A 21 -16.35 4.29 9.34
C GLN A 21 -15.67 3.63 8.16
N ALA A 22 -14.41 3.98 7.94
CA ALA A 22 -13.59 3.31 6.92
C ALA A 22 -12.15 3.27 7.42
N VAL A 23 -11.39 2.23 7.03
CA VAL A 23 -9.98 2.14 7.37
C VAL A 23 -9.17 2.21 6.10
N ALA A 24 -8.21 3.12 6.05
CA ALA A 24 -7.33 3.28 4.90
C ALA A 24 -5.97 2.75 5.27
N THR A 25 -5.46 1.80 4.48
CA THR A 25 -4.17 1.16 4.78
C THR A 25 -3.13 1.34 3.66
N TRP A 26 -1.98 1.87 4.05
CA TRP A 26 -0.82 2.03 3.17
C TRP A 26 0.23 1.01 3.52
N SER A 27 0.86 0.41 2.52
CA SER A 27 2.03 -0.41 2.79
CA SER A 27 2.03 -0.42 2.77
C SER A 27 3.26 0.50 2.82
N ALA A 28 4.18 0.22 3.75
CA ALA A 28 5.35 1.08 3.94
C ALA A 28 6.61 0.25 4.04
N THR A 29 7.70 0.75 3.46
CA THR A 29 9.03 0.16 3.71
C THR A 29 10.01 1.23 4.18
N ALA A 30 11.01 0.82 4.95
CA ALA A 30 12.08 1.71 5.32
C ALA A 30 13.37 0.96 5.08
N LYS A 31 14.40 1.68 4.67
CA LYS A 31 15.70 1.06 4.38
C LYS A 31 16.80 1.81 5.07
N LYS A 32 17.74 1.07 5.68
CA LYS A 32 18.95 1.66 6.25
C LYS A 32 20.18 0.91 5.80
N ASP A 33 21.09 1.67 5.18
CA ASP A 33 22.39 1.20 4.78
C ASP A 33 22.30 -0.07 3.95
N THR A 34 21.31 -0.17 3.07
CA THR A 34 21.27 -1.35 2.26
C THR A 34 21.71 -0.99 0.84
N THR A 35 22.13 -1.99 0.11
CA THR A 35 22.39 -1.89 -1.31
C THR A 35 21.26 -1.20 -2.05
N SER A 36 21.59 -0.38 -3.01
CA SER A 36 20.57 0.19 -3.87
CA SER A 36 20.56 0.22 -3.86
C SER A 36 20.82 -0.16 -5.34
N LYS A 37 21.42 -1.30 -5.57
CA LYS A 37 21.61 -1.80 -6.93
C LYS A 37 20.27 -2.03 -7.63
N LEU A 38 19.28 -2.47 -6.86
CA LEU A 38 17.90 -2.63 -7.35
C LEU A 38 16.91 -2.06 -6.35
N VAL A 39 16.07 -1.14 -6.80
CA VAL A 39 15.03 -0.57 -5.96
C VAL A 39 13.71 -0.66 -6.72
N VAL A 40 12.69 -1.27 -6.10
CA VAL A 40 11.40 -1.39 -6.77
C VAL A 40 10.33 -0.81 -5.86
N THR A 41 9.55 0.15 -6.37
CA THR A 41 8.64 0.90 -5.54
C THR A 41 7.23 0.96 -6.12
N PRO A 42 6.25 0.28 -5.48
CA PRO A 42 4.88 0.42 -5.95
C PRO A 42 4.40 1.88 -5.88
N LEU A 43 3.69 2.36 -6.89
CA LEU A 43 3.24 3.74 -6.85
C LEU A 43 2.29 3.90 -5.66
N GLY A 44 2.50 4.97 -4.89
CA GLY A 44 1.63 5.25 -3.78
C GLY A 44 2.17 4.69 -2.49
N SER A 45 3.20 3.84 -2.58
CA SER A 45 3.74 3.22 -1.37
C SER A 45 4.56 4.23 -0.61
N LEU A 46 4.66 4.01 0.71
CA LEU A 46 5.43 4.87 1.56
C LEU A 46 6.82 4.26 1.61
N ALA A 47 7.80 5.02 1.15
CA ALA A 47 9.19 4.57 1.10
C ALA A 47 10.09 5.47 1.94
N PHE A 48 10.61 4.95 3.04
CA PHE A 48 11.50 5.70 3.91
C PHE A 48 12.95 5.25 3.72
N GLN A 49 13.85 6.22 3.69
CA GLN A 49 15.27 5.95 3.47
C GLN A 49 16.08 6.66 4.53
N TYR A 50 16.93 5.91 5.20
CA TYR A 50 17.86 6.51 6.13
C TYR A 50 18.91 7.25 5.31
N ALA A 51 19.18 8.49 5.68
CA ALA A 51 20.16 9.31 5.00
C ALA A 51 21.34 9.51 5.93
N GLU A 52 22.51 9.06 5.49
CA GLU A 52 23.70 9.17 6.29
C GLU A 52 24.00 10.65 6.48
N GLY A 53 23.78 11.45 5.44
CA GLY A 53 23.77 12.87 5.56
C GLY A 53 23.22 13.55 6.81
N ILE A 54 21.95 13.35 7.11
CA ILE A 54 21.29 13.97 8.25
C ILE A 54 21.05 13.00 9.38
N LYS A 55 21.44 11.75 9.24
CA LYS A 55 21.29 10.77 10.34
C LYS A 55 19.87 10.47 10.70
N GLY A 56 19.05 10.34 9.70
CA GLY A 56 17.62 10.14 9.93
C GLY A 56 16.91 9.82 8.64
N PHE A 57 15.58 9.77 8.72
CA PHE A 57 14.73 9.34 7.61
C PHE A 57 13.98 10.52 7.00
N ASN A 58 13.76 10.47 5.70
CA ASN A 58 12.82 11.36 5.00
C ASN A 58 11.37 11.20 5.47
N SER A 59 10.51 12.15 5.10
N SER A 59 10.52 12.16 5.09
CA SER A 59 9.07 11.97 5.27
CA SER A 59 9.08 12.02 5.26
C SER A 59 8.47 11.62 3.92
C SER A 59 8.45 11.67 3.92
N GLN A 60 7.20 11.25 3.92
CA GLN A 60 6.51 10.83 2.70
C GLN A 60 5.09 11.35 2.75
N LYS A 61 4.61 11.99 1.68
CA LYS A 61 3.19 12.31 1.64
C LYS A 61 2.45 11.15 0.98
N GLY A 62 1.40 10.68 1.62
CA GLY A 62 0.59 9.62 1.09
C GLY A 62 -0.82 10.13 0.91
N LEU A 63 -1.32 10.05 -0.33
CA LEU A 63 -2.63 10.58 -0.69
C LEU A 63 -3.76 9.57 -0.54
N PHE A 64 -4.99 10.08 -0.37
CA PHE A 64 -6.18 9.24 -0.27
C PHE A 64 -7.38 9.91 -0.92
N ASP A 65 -8.28 9.08 -1.44
CA ASP A 65 -9.54 9.56 -2.00
C ASP A 65 -10.63 9.25 -1.01
N VAL A 66 -11.60 10.15 -0.89
CA VAL A 66 -12.72 9.94 0.03
C VAL A 66 -13.99 10.04 -0.79
N ALA A 67 -14.95 9.15 -0.56
CA ALA A 67 -16.27 9.34 -1.15
C ALA A 67 -17.28 9.19 -0.05
N ILE A 68 -18.31 10.03 -0.07
CA ILE A 68 -19.40 9.91 0.90
C ILE A 68 -20.73 9.89 0.18
N GLU A 69 -21.71 9.23 0.80
CA GLU A 69 -23.10 9.33 0.35
C GLU A 69 -23.80 10.45 1.10
N GLY A 70 -24.51 11.29 0.36
CA GLY A 70 -25.17 12.44 0.97
C GLY A 70 -26.34 12.04 1.82
N ASP A 71 -26.62 12.86 2.83
CA ASP A 71 -27.78 12.67 3.69
C ASP A 71 -28.53 13.99 3.57
N SER A 72 -29.60 13.99 2.76
CA SER A 72 -30.24 15.22 2.32
C SER A 72 -30.87 16.07 3.44
N THR A 73 -31.14 15.46 4.61
CA THR A 73 -31.70 16.19 5.75
C THR A 73 -30.67 16.50 6.85
N ALA A 74 -29.40 16.19 6.59
CA ALA A 74 -28.35 16.54 7.54
C ALA A 74 -28.11 18.05 7.57
N THR A 75 -27.79 18.56 8.76
CA THR A 75 -27.50 20.00 8.94
C THR A 75 -26.06 20.26 9.43
N ALA A 76 -25.32 19.20 9.75
CA ALA A 76 -23.89 19.34 10.00
C ALA A 76 -23.16 18.04 9.72
N PHE A 77 -21.85 18.13 9.54
CA PHE A 77 -21.04 16.97 9.16
C PHE A 77 -19.72 17.08 9.87
N LYS A 78 -19.20 15.94 10.28
CA LYS A 78 -17.90 15.86 10.95
C LYS A 78 -17.14 14.67 10.37
N LEU A 79 -15.86 14.87 10.11
CA LEU A 79 -14.96 13.79 9.68
C LEU A 79 -13.72 13.83 10.56
N THR A 80 -13.40 12.70 11.19
CA THR A 80 -12.19 12.62 12.03
C THR A 80 -11.33 11.44 11.59
N SER A 81 -10.07 11.44 12.04
CA SER A 81 -9.21 10.27 11.82
C SER A 81 -8.46 9.86 13.10
N ARG A 82 -8.09 8.58 13.13
CA ARG A 82 -7.44 7.97 14.29
C ARG A 82 -6.51 6.89 13.77
N LEU A 83 -5.29 6.90 14.28
CA LEU A 83 -4.26 5.94 13.83
C LEU A 83 -4.58 4.58 14.44
N ILE A 84 -4.49 3.51 13.65
CA ILE A 84 -4.72 2.16 14.18
C ILE A 84 -3.41 1.40 14.26
N THR A 85 -2.76 1.20 13.13
CA THR A 85 -1.47 0.50 13.16
C THR A 85 -0.41 1.36 12.50
N ASN A 86 0.83 1.25 12.98
CA ASN A 86 1.90 2.06 12.42
C ASN A 86 3.27 1.45 12.60
N THR A 87 3.33 0.14 12.79
CA THR A 87 4.63 -0.51 13.11
C THR A 87 5.27 -1.21 11.92
N LEU A 88 6.52 -0.86 11.63
CA LEU A 88 7.28 -1.52 10.58
C LEU A 88 8.31 -2.42 11.24
N THR A 89 8.50 -3.64 10.73
CA THR A 89 9.38 -4.58 11.41
C THR A 89 10.42 -5.09 10.42
N GLN A 90 11.67 -5.27 10.87
CA GLN A 90 12.71 -5.75 9.98
C GLN A 90 12.40 -7.15 9.49
N LEU A 91 12.86 -7.45 8.29
CA LEU A 91 12.56 -8.68 7.60
C LEU A 91 13.40 -9.85 8.13
N ASP A 92 14.52 -9.56 8.78
CA ASP A 92 15.37 -10.60 9.31
C ASP A 92 15.03 -10.95 10.76
N THR A 93 16.02 -11.42 11.51
N THR A 93 15.99 -11.43 11.53
CA THR A 93 15.80 -11.94 12.86
CA THR A 93 15.70 -11.90 12.88
C THR A 93 16.00 -10.87 13.96
C THR A 93 15.84 -10.81 13.96
N SER A 94 16.31 -9.63 13.55
CA SER A 94 16.62 -8.55 14.52
C SER A 94 15.51 -8.21 15.53
N GLY A 95 14.27 -8.24 15.05
CA GLY A 95 13.12 -7.77 15.82
C GLY A 95 13.02 -6.24 15.82
N SER A 96 13.95 -5.57 15.15
CA SER A 96 13.93 -4.10 15.08
C SER A 96 12.64 -3.55 14.42
N THR A 97 12.13 -2.45 14.98
CA THR A 97 10.86 -1.86 14.51
C THR A 97 11.02 -0.35 14.31
N LEU A 98 10.12 0.22 13.50
CA LEU A 98 9.99 1.67 13.39
C LEU A 98 8.51 1.96 13.57
N ASN A 99 8.18 3.09 14.18
CA ASN A 99 6.81 3.54 14.22
C ASN A 99 6.63 4.78 13.40
N VAL A 100 5.56 4.79 12.60
CA VAL A 100 5.30 5.84 11.62
C VAL A 100 4.31 6.86 12.19
N GLY A 101 4.73 8.12 12.30
CA GLY A 101 3.84 9.22 12.70
C GLY A 101 3.02 9.71 11.50
N VAL A 102 1.80 10.17 11.75
CA VAL A 102 0.92 10.61 10.71
C VAL A 102 0.44 12.02 11.08
N ASP A 103 0.56 12.95 10.11
CA ASP A 103 0.20 14.36 10.25
CA ASP A 103 0.07 14.31 10.35
C ASP A 103 -0.89 14.73 9.25
N TYR A 104 -1.93 15.45 9.68
CA TYR A 104 -2.91 15.99 8.74
C TYR A 104 -2.86 17.52 8.83
N ASN A 105 -2.33 18.15 7.78
CA ASN A 105 -2.20 19.62 7.78
C ASN A 105 -1.61 20.19 9.08
N GLY A 106 -0.53 19.59 9.53
CA GLY A 106 0.19 20.08 10.70
C GLY A 106 -0.30 19.54 12.02
N THR A 107 -1.33 18.70 12.00
CA THR A 107 -1.86 18.16 13.24
C THR A 107 -1.68 16.66 13.30
N ALA A 108 -1.15 16.16 14.43
CA ALA A 108 -0.92 14.72 14.57
C ALA A 108 -2.21 13.89 14.56
N VAL A 109 -2.12 12.74 13.88
CA VAL A 109 -3.16 11.74 13.92
C VAL A 109 -2.59 10.59 14.73
N GLU A 110 -3.18 10.36 15.91
CA GLU A 110 -2.63 9.45 16.90
C GLU A 110 -3.58 8.32 17.23
N LYS A 111 -3.08 7.35 17.98
CA LYS A 111 -3.87 6.16 18.33
C LYS A 111 -4.90 6.43 19.42
N THR A 112 -4.70 7.51 20.16
CA THR A 112 -5.43 7.75 21.41
C THR A 112 -6.55 8.79 21.30
N GLY A 113 -6.79 9.28 20.10
CA GLY A 113 -7.80 10.31 19.92
C GLY A 113 -8.20 10.48 18.47
N ASP A 114 -9.17 11.36 18.26
CA ASP A 114 -9.73 11.62 16.93
C ASP A 114 -9.38 13.03 16.47
N THR A 115 -8.63 13.09 15.37
CA THR A 115 -8.17 14.35 14.82
C THR A 115 -9.24 14.91 13.90
N VAL A 116 -9.69 16.12 14.18
CA VAL A 116 -10.80 16.68 13.44
C VAL A 116 -10.32 17.14 12.08
N MET A 117 -10.93 16.62 11.01
CA MET A 117 -10.54 17.02 9.64
C MET A 117 -11.58 17.96 9.02
N ILE A 118 -12.85 17.65 9.27
CA ILE A 118 -13.99 18.53 8.87
C ILE A 118 -14.93 18.61 10.05
N ASP A 119 -15.42 19.80 10.35
CA ASP A 119 -16.43 19.96 11.38
C ASP A 119 -17.23 21.19 11.00
N THR A 120 -18.30 20.98 10.23
CA THR A 120 -19.02 22.12 9.66
C THR A 120 -19.65 22.99 10.75
N ALA A 121 -20.14 22.37 11.83
CA ALA A 121 -20.78 23.09 12.95
C ALA A 121 -19.85 24.13 13.59
N ASN A 122 -18.58 23.75 13.67
CA ASN A 122 -17.58 24.52 14.45
C ASN A 122 -16.58 25.24 13.60
N GLY A 123 -16.89 25.41 12.34
CA GLY A 123 -16.06 26.20 11.49
C GLY A 123 -14.81 25.51 10.94
N VAL A 124 -14.92 24.23 10.58
CA VAL A 124 -13.87 23.56 9.78
C VAL A 124 -14.38 22.94 8.47
N LEU A 125 -13.82 23.38 7.33
CA LEU A 125 -14.10 22.77 5.96
C LEU A 125 -13.21 21.62 5.38
N GLY A 126 -12.04 21.57 5.96
CA GLY A 126 -11.23 20.47 5.56
C GLY A 126 -10.25 20.69 4.40
N GLY A 127 -10.14 21.93 3.94
CA GLY A 127 -9.13 22.30 2.96
C GLY A 127 -9.39 21.61 1.65
N ASN A 128 -8.52 20.68 1.27
CA ASN A 128 -8.77 19.95 0.08
C ASN A 128 -10.01 19.10 0.22
N LEU A 129 -10.43 18.84 1.44
CA LEU A 129 -11.59 17.99 1.66
C LEU A 129 -12.89 18.80 1.68
N SER A 130 -12.74 20.07 1.38
CA SER A 130 -13.89 20.96 1.43
C SER A 130 -15.10 20.49 0.65
N PRO A 131 -14.94 19.75 -0.44
CA PRO A 131 -16.15 19.29 -1.13
C PRO A 131 -17.06 18.45 -0.23
N LEU A 132 -16.48 17.73 0.71
CA LEU A 132 -17.28 16.98 1.63
C LEU A 132 -18.08 17.92 2.55
N ALA A 133 -17.47 18.99 2.97
CA ALA A 133 -18.13 19.94 3.82
C ALA A 133 -19.30 20.66 3.14
N ASN A 134 -19.28 20.65 1.82
CA ASN A 134 -20.29 21.34 1.02
C ASN A 134 -21.32 20.37 0.48
N GLY A 135 -20.93 19.11 0.33
CA GLY A 135 -21.78 18.09 -0.32
C GLY A 135 -22.42 17.06 0.60
N TYR A 136 -22.10 17.11 1.89
CA TYR A 136 -22.55 16.07 2.82
C TYR A 136 -24.08 15.92 2.88
N ASN A 137 -24.79 17.01 2.57
CA ASN A 137 -26.26 17.00 2.60
C ASN A 137 -26.90 17.14 1.21
N ALA A 138 -26.10 16.88 0.19
CA ALA A 138 -26.62 16.63 -1.16
C ALA A 138 -27.33 15.28 -1.16
N SER A 139 -28.09 15.01 -2.22
CA SER A 139 -28.84 13.74 -2.32
CA SER A 139 -28.84 13.74 -2.31
C SER A 139 -28.03 12.66 -3.00
N ASN A 140 -26.83 13.01 -3.49
CA ASN A 140 -25.95 12.09 -4.20
C ASN A 140 -24.59 11.92 -3.51
N ARG A 141 -23.61 11.39 -4.24
CA ARG A 141 -22.28 11.16 -3.66
C ARG A 141 -21.33 12.32 -3.93
N THR A 142 -20.39 12.52 -3.02
CA THR A 142 -19.40 13.56 -3.16
C THR A 142 -18.02 12.93 -3.00
N THR A 143 -17.07 13.40 -3.78
CA THR A 143 -15.71 12.90 -3.68
C THR A 143 -14.69 14.01 -3.43
N ALA A 144 -13.55 13.65 -2.84
CA ALA A 144 -12.47 14.59 -2.62
C ALA A 144 -11.17 13.80 -2.43
N GLN A 145 -10.05 14.49 -2.52
CA GLN A 145 -8.74 13.87 -2.36
C GLN A 145 -7.89 14.75 -1.45
N ASP A 146 -7.16 14.12 -0.55
CA ASP A 146 -6.21 14.84 0.30
C ASP A 146 -5.07 13.89 0.66
N GLY A 147 -4.27 14.23 1.66
CA GLY A 147 -3.19 13.35 2.07
C GLY A 147 -2.75 13.57 3.50
N PHE A 148 -1.90 12.67 3.95
CA PHE A 148 -1.23 12.77 5.23
C PHE A 148 0.28 12.87 4.97
N THR A 149 1.02 13.51 5.87
CA THR A 149 2.49 13.38 5.85
C THR A 149 2.86 12.28 6.84
N PHE A 150 3.62 11.31 6.36
CA PHE A 150 4.08 10.18 7.15
C PHE A 150 5.57 10.34 7.47
N SER A 151 5.95 10.07 8.72
N SER A 151 5.96 10.07 8.70
CA SER A 151 7.35 10.21 9.14
CA SER A 151 7.38 10.16 9.07
C SER A 151 7.70 9.11 10.12
C SER A 151 7.72 9.01 9.98
N ILE A 152 8.99 8.90 10.34
CA ILE A 152 9.42 7.94 11.36
C ILE A 152 9.57 8.70 12.68
N ILE A 153 8.81 8.31 13.70
CA ILE A 153 8.79 9.05 14.99
C ILE A 153 9.44 8.29 16.16
N SER A 154 9.62 6.97 16.00
N SER A 154 9.61 6.97 16.00
CA SER A 154 10.44 6.21 16.95
CA SER A 154 10.34 6.17 16.98
C SER A 154 10.88 4.91 16.30
C SER A 154 10.81 4.87 16.34
N GLY A 155 11.73 4.19 17.02
CA GLY A 155 12.23 2.90 16.52
C GLY A 155 12.76 2.09 17.68
N THR A 156 13.02 0.81 17.42
CA THR A 156 13.70 -0.02 18.41
C THR A 156 14.82 -0.77 17.69
N THR A 157 15.87 -1.10 18.43
CA THR A 157 16.96 -1.90 17.87
C THR A 157 16.55 -3.37 17.72
N ASN A 158 15.57 -3.80 18.50
CA ASN A 158 15.32 -5.23 18.70
C ASN A 158 13.88 -5.56 19.10
N GLY A 159 13.00 -4.58 19.00
CA GLY A 159 11.59 -4.80 19.31
C GLY A 159 11.19 -4.24 20.65
N THR A 160 12.15 -4.05 21.54
CA THR A 160 11.89 -3.60 22.92
CA THR A 160 11.85 -3.55 22.89
C THR A 160 12.66 -2.32 23.25
N THR A 161 13.97 -2.33 22.97
CA THR A 161 14.85 -1.19 23.25
C THR A 161 14.56 -0.03 22.29
N ALA A 162 13.78 0.93 22.79
CA ALA A 162 13.34 2.07 22.03
C ALA A 162 14.45 3.12 21.82
N VAL A 163 14.43 3.74 20.64
CA VAL A 163 15.33 4.84 20.29
C VAL A 163 14.65 5.93 19.43
N THR A 164 15.21 7.14 19.49
CA THR A 164 14.93 8.17 18.48
C THR A 164 16.25 8.61 17.81
N ASP A 165 17.37 8.08 18.28
CA ASP A 165 18.63 8.26 17.56
C ASP A 165 18.75 7.14 16.54
N TYR A 166 18.35 7.44 15.30
CA TYR A 166 18.19 6.38 14.30
C TYR A 166 19.52 5.82 13.78
N SER A 167 20.62 6.52 14.03
CA SER A 167 21.95 5.99 13.66
C SER A 167 22.29 4.70 14.41
N THR A 168 21.59 4.43 15.51
CA THR A 168 21.89 3.25 16.31
C THR A 168 21.17 2.00 15.79
N LEU A 169 20.26 2.16 14.83
CA LEU A 169 19.51 1.02 14.29
C LEU A 169 20.38 0.06 13.51
N PRO A 170 20.04 -1.24 13.58
CA PRO A 170 20.72 -2.23 12.74
C PRO A 170 20.42 -1.93 11.26
N GLU A 171 21.34 -2.27 10.36
CA GLU A 171 21.08 -2.11 8.92
C GLU A 171 20.02 -3.09 8.45
N GLY A 172 19.31 -2.77 7.37
CA GLY A 172 18.31 -3.69 6.84
C GLY A 172 17.06 -2.99 6.35
N ILE A 173 15.99 -3.77 6.22
CA ILE A 173 14.73 -3.30 5.66
C ILE A 173 13.63 -3.58 6.63
N TRP A 174 12.76 -2.60 6.84
CA TRP A 174 11.58 -2.76 7.67
C TRP A 174 10.36 -2.68 6.76
N SER A 175 9.32 -3.45 7.08
CA SER A 175 8.04 -3.25 6.37
C SER A 175 6.84 -3.47 7.25
N GLY A 176 5.71 -2.89 6.87
CA GLY A 176 4.53 -3.07 7.64
C GLY A 176 3.46 -2.16 7.11
N ASP A 177 2.27 -2.29 7.66
CA ASP A 177 1.14 -1.49 7.15
C ASP A 177 0.89 -0.33 8.08
N VAL A 178 0.49 0.79 7.49
CA VAL A 178 0.10 1.92 8.31
C VAL A 178 -1.38 2.16 8.05
N SER A 179 -2.21 2.00 9.07
CA SER A 179 -3.65 2.05 8.85
C SER A 179 -4.27 3.16 9.66
N VAL A 180 -5.15 3.92 9.02
CA VAL A 180 -5.83 5.04 9.64
C VAL A 180 -7.34 4.83 9.52
N GLN A 181 -8.03 4.97 10.66
CA GLN A 181 -9.49 4.88 10.68
C GLN A 181 -10.14 6.27 10.51
N PHE A 182 -11.11 6.34 9.61
CA PHE A 182 -11.83 7.59 9.35
C PHE A 182 -13.24 7.41 9.90
N ASP A 183 -13.77 8.44 10.53
CA ASP A 183 -15.11 8.37 11.10
C ASP A 183 -15.91 9.59 10.69
N ALA A 184 -17.02 9.32 10.01
CA ALA A 184 -17.92 10.38 9.52
C ALA A 184 -19.19 10.38 10.35
N THR A 185 -19.72 11.58 10.62
CA THR A 185 -20.94 11.74 11.41
C THR A 185 -21.80 12.80 10.75
N TRP A 186 -23.02 12.43 10.40
CA TRP A 186 -24.02 13.39 9.94
C TRP A 186 -25.00 13.68 11.08
N THR A 187 -25.24 14.96 11.33
CA THR A 187 -26.15 15.43 12.38
CA THR A 187 -26.21 15.33 12.35
C THR A 187 -27.39 16.07 11.75
N SER A 188 -28.55 15.92 12.39
CA SER A 188 -29.77 16.60 11.95
C SER A 188 -30.30 17.50 13.06
N ALA B 16 32.49 -13.30 -11.59
CA ALA B 16 31.21 -13.70 -10.93
C ALA B 16 30.13 -12.66 -11.21
N ASP B 17 28.90 -13.12 -11.41
CA ASP B 17 27.81 -12.18 -11.66
C ASP B 17 27.37 -11.48 -10.37
N VAL B 18 26.73 -10.33 -10.58
CA VAL B 18 26.21 -9.51 -9.51
C VAL B 18 24.68 -9.64 -9.51
N THR B 19 24.20 -9.80 -8.26
CA THR B 19 22.77 -9.98 -8.10
C THR B 19 22.24 -9.01 -7.06
N ALA B 20 20.96 -8.72 -7.15
CA ALA B 20 20.30 -7.88 -6.18
C ALA B 20 18.84 -8.30 -6.12
N GLN B 21 18.20 -8.00 -5.00
CA GLN B 21 16.82 -8.35 -4.78
C GLN B 21 16.08 -7.20 -4.17
N ALA B 22 14.78 -7.11 -4.47
CA ALA B 22 13.90 -6.16 -3.82
C ALA B 22 12.49 -6.72 -3.73
N VAL B 23 11.75 -6.34 -2.69
CA VAL B 23 10.36 -6.81 -2.55
C VAL B 23 9.44 -5.61 -2.63
N ALA B 24 8.47 -5.70 -3.52
CA ALA B 24 7.46 -4.66 -3.74
C ALA B 24 6.16 -5.14 -3.14
N THR B 25 5.59 -4.36 -2.23
CA THR B 25 4.38 -4.79 -1.54
C THR B 25 3.27 -3.76 -1.74
N TRP B 26 2.09 -4.25 -2.15
CA TRP B 26 0.89 -3.43 -2.25
C TRP B 26 -0.05 -3.81 -1.09
N SER B 27 -0.70 -2.83 -0.48
CA SER B 27 -1.80 -3.10 0.43
CA SER B 27 -1.79 -3.15 0.42
C SER B 27 -3.05 -3.32 -0.45
N ALA B 28 -3.84 -4.33 -0.14
CA ALA B 28 -5.00 -4.63 -0.97
C ALA B 28 -6.21 -4.78 -0.08
N THR B 29 -7.36 -4.36 -0.59
CA THR B 29 -8.63 -4.57 0.10
CA THR B 29 -8.64 -4.58 0.10
C THR B 29 -9.68 -5.02 -0.92
N ALA B 30 -10.51 -5.99 -0.53
CA ALA B 30 -11.64 -6.41 -1.34
C ALA B 30 -12.91 -6.23 -0.52
N LYS B 31 -13.99 -5.87 -1.20
CA LYS B 31 -15.29 -5.65 -0.54
C LYS B 31 -16.41 -6.35 -1.27
N LYS B 32 -17.32 -6.96 -0.51
CA LYS B 32 -18.52 -7.51 -1.08
C LYS B 32 -19.73 -7.07 -0.26
N ASP B 33 -20.62 -6.33 -0.93
CA ASP B 33 -21.94 -5.98 -0.42
C ASP B 33 -21.85 -5.32 0.97
N THR B 34 -20.99 -4.34 1.07
CA THR B 34 -20.91 -3.60 2.28
C THR B 34 -21.46 -2.17 2.06
N THR B 35 -21.78 -1.52 3.17
CA THR B 35 -22.23 -0.15 3.12
C THR B 35 -21.10 0.76 2.66
N SER B 36 -21.43 1.71 1.80
CA SER B 36 -20.43 2.62 1.27
C SER B 36 -20.72 4.07 1.64
N LYS B 37 -21.32 4.29 2.81
CA LYS B 37 -21.59 5.67 3.22
C LYS B 37 -20.34 6.53 3.26
N LEU B 38 -19.25 5.88 3.63
CA LEU B 38 -17.93 6.50 3.63
C LEU B 38 -16.91 5.50 3.05
N VAL B 39 -16.20 5.95 2.06
CA VAL B 39 -15.19 5.11 1.41
C VAL B 39 -13.90 5.88 1.34
N VAL B 40 -12.80 5.29 1.84
CA VAL B 40 -11.52 5.96 1.80
C VAL B 40 -10.49 5.04 1.16
N THR B 41 -9.78 5.52 0.16
CA THR B 41 -8.93 4.67 -0.65
C THR B 41 -7.55 5.29 -0.78
N PRO B 42 -6.50 4.68 -0.18
CA PRO B 42 -5.17 5.23 -0.41
C PRO B 42 -4.79 5.15 -1.88
N LEU B 43 -4.19 6.20 -2.43
CA LEU B 43 -3.74 6.13 -3.83
C LEU B 43 -2.72 5.04 -4.04
N GLY B 44 -2.92 4.26 -5.09
CA GLY B 44 -1.97 3.20 -5.43
C GLY B 44 -2.30 1.89 -4.77
N SER B 45 -3.18 1.88 -3.78
CA SER B 45 -3.61 0.62 -3.16
C SER B 45 -4.51 -0.16 -4.12
N LEU B 46 -4.51 -1.48 -3.95
CA LEU B 46 -5.32 -2.33 -4.81
C LEU B 46 -6.69 -2.44 -4.15
N ALA B 47 -7.73 -2.22 -4.93
CA ALA B 47 -9.11 -2.23 -4.45
C ALA B 47 -9.99 -3.09 -5.35
N PHE B 48 -10.60 -4.10 -4.76
CA PHE B 48 -11.41 -5.04 -5.52
C PHE B 48 -12.83 -4.96 -4.98
N GLN B 49 -13.80 -4.79 -5.86
CA GLN B 49 -15.19 -4.63 -5.45
C GLN B 49 -15.99 -5.73 -6.12
N TYR B 50 -16.76 -6.46 -5.34
CA TYR B 50 -17.64 -7.48 -5.92
C TYR B 50 -18.79 -6.78 -6.68
N ALA B 51 -19.08 -7.26 -7.89
CA ALA B 51 -20.22 -6.78 -8.69
C ALA B 51 -21.12 -7.97 -9.04
N GLU B 52 -22.41 -7.85 -8.73
CA GLU B 52 -23.36 -8.94 -8.88
C GLU B 52 -23.52 -9.36 -10.35
N GLY B 53 -23.44 -8.37 -11.24
CA GLY B 53 -23.61 -8.59 -12.68
C GLY B 53 -22.61 -9.58 -13.25
N ILE B 54 -21.36 -9.48 -12.83
CA ILE B 54 -20.34 -10.40 -13.32
C ILE B 54 -20.04 -11.55 -12.37
N LYS B 55 -20.71 -11.54 -11.22
CA LYS B 55 -20.46 -12.50 -10.14
C LYS B 55 -18.97 -12.59 -9.81
N GLY B 56 -18.32 -11.45 -9.68
CA GLY B 56 -16.92 -11.44 -9.32
C GLY B 56 -16.41 -10.04 -9.10
N PHE B 57 -15.08 -9.91 -9.13
CA PHE B 57 -14.42 -8.66 -8.79
C PHE B 57 -13.77 -8.05 -10.03
N ASN B 58 -13.51 -6.74 -9.96
CA ASN B 58 -12.71 -6.07 -10.99
C ASN B 58 -11.25 -6.52 -10.87
N SER B 59 -10.49 -6.21 -11.91
CA SER B 59 -9.03 -6.31 -11.87
CA SER B 59 -9.04 -6.31 -11.85
CA SER B 59 -9.04 -6.31 -11.87
C SER B 59 -8.49 -4.90 -11.69
N GLN B 60 -7.19 -4.78 -11.51
CA GLN B 60 -6.61 -3.45 -11.40
C GLN B 60 -5.15 -3.53 -11.80
N LYS B 61 -4.68 -2.59 -12.62
CA LYS B 61 -3.26 -2.54 -12.93
C LYS B 61 -2.57 -1.72 -11.85
N GLY B 62 -1.68 -2.37 -11.10
CA GLY B 62 -0.85 -1.68 -10.08
C GLY B 62 0.52 -1.36 -10.66
N LEU B 63 0.89 -0.07 -10.64
CA LEU B 63 2.14 0.36 -11.27
C LEU B 63 3.28 0.35 -10.25
N PHE B 64 4.51 0.20 -10.76
CA PHE B 64 5.73 0.27 -9.93
C PHE B 64 6.84 0.92 -10.72
N ASP B 65 7.78 1.51 -10.00
CA ASP B 65 9.01 2.05 -10.60
C ASP B 65 10.17 1.14 -10.24
N VAL B 66 11.09 0.94 -11.18
CA VAL B 66 12.26 0.09 -10.95
C VAL B 66 13.48 0.97 -11.21
N ALA B 67 14.41 1.00 -10.27
CA ALA B 67 15.64 1.78 -10.43
C ALA B 67 16.80 0.81 -10.30
N ILE B 68 17.74 0.86 -11.24
CA ILE B 68 18.95 0.06 -11.14
C ILE B 68 20.20 0.93 -11.18
N GLU B 69 21.24 0.46 -10.50
CA GLU B 69 22.59 1.04 -10.61
C GLU B 69 23.34 0.31 -11.71
N GLY B 70 23.94 1.07 -12.61
CA GLY B 70 24.73 0.50 -13.71
C GLY B 70 25.96 -0.28 -13.29
N ASP B 71 26.31 -1.29 -14.05
CA ASP B 71 27.46 -2.16 -13.83
C ASP B 71 28.26 -2.15 -15.13
N SER B 72 29.33 -1.36 -15.17
CA SER B 72 30.03 -1.09 -16.42
C SER B 72 30.67 -2.31 -17.04
N THR B 73 30.97 -3.29 -16.26
CA THR B 73 31.57 -4.49 -16.74
C THR B 73 30.58 -5.54 -17.27
N ALA B 74 29.29 -5.35 -17.06
CA ALA B 74 28.35 -6.38 -17.39
C ALA B 74 28.11 -6.43 -18.87
N THR B 75 27.82 -7.63 -19.35
CA THR B 75 27.51 -7.86 -20.76
C THR B 75 26.12 -8.44 -20.99
N ALA B 76 25.36 -8.60 -19.90
CA ALA B 76 23.97 -9.03 -19.96
C ALA B 76 23.27 -8.67 -18.65
N PHE B 77 21.96 -8.54 -18.73
CA PHE B 77 21.15 -8.21 -17.57
C PHE B 77 19.87 -9.02 -17.59
N LYS B 78 19.46 -9.48 -16.40
CA LYS B 78 18.21 -10.20 -16.27
C LYS B 78 17.43 -9.65 -15.09
N LEU B 79 16.12 -9.54 -15.27
CA LEU B 79 15.20 -9.14 -14.19
C LEU B 79 14.04 -10.09 -14.18
N THR B 80 13.81 -10.72 -13.03
CA THR B 80 12.68 -11.63 -12.88
C THR B 80 11.79 -11.22 -11.70
N SER B 81 10.57 -11.74 -11.66
CA SER B 81 9.71 -11.56 -10.50
C SER B 81 9.11 -12.87 -10.01
N ARG B 82 8.80 -12.93 -8.71
CA ARG B 82 8.22 -14.15 -8.12
C ARG B 82 7.22 -13.71 -7.06
N LEU B 83 6.04 -14.30 -7.06
CA LEU B 83 5.02 -13.90 -6.07
C LEU B 83 5.40 -14.47 -4.69
N ILE B 84 5.29 -13.64 -3.65
CA ILE B 84 5.58 -14.09 -2.28
C ILE B 84 4.29 -14.28 -1.47
N THR B 85 3.53 -13.20 -1.29
CA THR B 85 2.27 -13.29 -0.56
C THR B 85 1.16 -12.70 -1.38
N ASN B 86 -0.04 -13.25 -1.21
CA ASN B 86 -1.19 -12.81 -2.03
C ASN B 86 -2.56 -13.07 -1.41
N THR B 87 -2.57 -13.32 -0.10
CA THR B 87 -3.81 -13.72 0.59
C THR B 87 -4.46 -12.54 1.28
N LEU B 88 -5.78 -12.36 1.00
CA LEU B 88 -6.60 -11.35 1.68
C LEU B 88 -7.57 -12.11 2.62
N THR B 89 -7.69 -11.58 3.83
CA THR B 89 -8.47 -12.28 4.86
C THR B 89 -9.54 -11.33 5.38
N GLN B 90 -10.78 -11.80 5.54
CA GLN B 90 -11.83 -10.93 6.06
C GLN B 90 -11.52 -10.43 7.48
N LEU B 91 -12.00 -9.23 7.79
CA LEU B 91 -11.66 -8.54 9.06
C LEU B 91 -12.45 -9.09 10.26
N ASP B 92 -13.45 -9.92 9.97
CA ASP B 92 -14.32 -10.44 11.04
C ASP B 92 -13.94 -11.88 11.36
N THR B 93 -14.85 -12.66 11.91
CA THR B 93 -14.54 -13.99 12.40
CA THR B 93 -14.50 -13.99 12.40
C THR B 93 -14.65 -15.08 11.33
N SER B 94 -15.13 -14.69 10.15
CA SER B 94 -15.43 -15.66 9.08
C SER B 94 -14.29 -16.60 8.70
N GLY B 95 -13.07 -16.06 8.66
CA GLY B 95 -11.94 -16.79 8.13
C GLY B 95 -11.87 -16.81 6.61
N SER B 96 -12.84 -16.18 5.94
CA SER B 96 -12.88 -16.13 4.47
C SER B 96 -11.62 -15.48 3.90
N THR B 97 -11.10 -16.07 2.82
CA THR B 97 -9.88 -15.57 2.18
C THR B 97 -10.13 -15.36 0.70
N LEU B 98 -9.36 -14.48 0.09
CA LEU B 98 -9.27 -14.37 -1.36
C LEU B 98 -7.79 -14.41 -1.71
N ASN B 99 -7.43 -15.01 -2.84
CA ASN B 99 -6.04 -14.96 -3.32
C ASN B 99 -5.97 -14.06 -4.54
N VAL B 100 -4.91 -13.24 -4.60
CA VAL B 100 -4.71 -12.29 -5.70
C VAL B 100 -3.74 -12.84 -6.72
N GLY B 101 -4.19 -12.96 -7.98
CA GLY B 101 -3.34 -13.33 -9.10
C GLY B 101 -2.62 -12.10 -9.63
N VAL B 102 -1.42 -12.31 -10.15
CA VAL B 102 -0.57 -11.22 -10.60
C VAL B 102 -0.10 -11.59 -12.02
N ASP B 103 -0.38 -10.71 -12.99
CA ASP B 103 -0.03 -10.93 -14.37
C ASP B 103 0.94 -9.86 -14.85
N TYR B 104 1.99 -10.28 -15.56
CA TYR B 104 2.89 -9.34 -16.23
C TYR B 104 2.83 -9.53 -17.74
N ASN B 105 2.23 -8.57 -18.44
CA ASN B 105 2.12 -8.64 -19.90
C ASN B 105 1.63 -9.97 -20.40
N GLY B 106 0.62 -10.50 -19.71
CA GLY B 106 -0.03 -11.74 -20.11
C GLY B 106 0.59 -13.02 -19.57
N THR B 107 1.63 -12.90 -18.74
CA THR B 107 2.24 -14.09 -18.12
C THR B 107 2.07 -14.02 -16.61
N ALA B 108 1.59 -15.12 -16.02
CA ALA B 108 1.38 -15.14 -14.56
C ALA B 108 2.72 -15.01 -13.81
N VAL B 109 2.70 -14.24 -12.73
CA VAL B 109 3.81 -14.18 -11.76
C VAL B 109 3.31 -15.03 -10.61
N GLU B 110 4.01 -16.14 -10.36
CA GLU B 110 3.53 -17.18 -9.43
C GLU B 110 4.53 -17.37 -8.29
N LYS B 111 4.13 -18.14 -7.27
CA LYS B 111 4.97 -18.34 -6.10
C LYS B 111 6.06 -19.37 -6.36
N THR B 112 5.88 -20.17 -7.41
CA THR B 112 6.72 -21.34 -7.62
C THR B 112 7.81 -21.20 -8.66
N GLY B 113 7.92 -20.04 -9.29
CA GLY B 113 8.99 -19.82 -10.25
C GLY B 113 9.27 -18.36 -10.49
N ASP B 114 10.23 -18.09 -11.35
CA ASP B 114 10.63 -16.72 -11.65
C ASP B 114 10.16 -16.35 -13.06
N THR B 115 9.35 -15.33 -13.13
CA THR B 115 8.85 -14.83 -14.40
C THR B 115 9.84 -13.87 -15.03
N VAL B 116 10.24 -14.15 -16.26
CA VAL B 116 11.22 -13.29 -16.94
C VAL B 116 10.59 -11.97 -17.36
N MET B 117 11.20 -10.87 -16.92
CA MET B 117 10.78 -9.55 -17.35
C MET B 117 11.77 -8.95 -18.33
N ILE B 118 13.06 -9.03 -18.01
CA ILE B 118 14.14 -8.62 -18.92
C ILE B 118 15.16 -9.75 -18.94
N ASP B 119 15.70 -10.04 -20.12
CA ASP B 119 16.77 -11.01 -20.23
C ASP B 119 17.50 -10.62 -21.50
N THR B 120 18.48 -9.74 -21.39
CA THR B 120 19.12 -9.17 -22.58
C THR B 120 19.87 -10.21 -23.40
N ALA B 121 20.41 -11.23 -22.73
CA ALA B 121 21.15 -12.28 -23.40
C ALA B 121 20.27 -12.97 -24.43
N ASN B 122 18.98 -13.03 -24.14
CA ASN B 122 18.00 -13.62 -25.05
C ASN B 122 17.06 -12.61 -25.74
N GLY B 123 17.50 -11.35 -25.83
CA GLY B 123 16.77 -10.32 -26.55
C GLY B 123 15.41 -9.93 -25.98
N VAL B 124 15.19 -10.25 -24.71
CA VAL B 124 13.95 -9.83 -24.04
C VAL B 124 14.22 -8.50 -23.34
N LEU B 125 13.71 -7.43 -23.93
CA LEU B 125 14.10 -6.10 -23.49
C LEU B 125 13.19 -5.48 -22.44
N GLY B 126 11.98 -6.02 -22.29
CA GLY B 126 11.11 -5.65 -21.16
C GLY B 126 10.00 -4.64 -21.35
N GLY B 127 9.68 -4.32 -22.61
CA GLY B 127 8.51 -3.50 -22.94
C GLY B 127 8.72 -2.12 -22.34
N ASN B 128 7.81 -1.71 -21.45
CA ASN B 128 7.93 -0.40 -20.83
C ASN B 128 9.15 -0.29 -19.92
N LEU B 129 9.74 -1.43 -19.57
CA LEU B 129 10.97 -1.46 -18.80
C LEU B 129 12.24 -1.46 -19.66
N SER B 130 12.07 -1.29 -20.97
CA SER B 130 13.22 -1.37 -21.88
C SER B 130 14.38 -0.38 -21.59
N PRO B 131 14.10 0.80 -20.96
CA PRO B 131 15.26 1.63 -20.60
C PRO B 131 16.29 0.90 -19.73
N LEU B 132 15.83 0.00 -18.87
CA LEU B 132 16.75 -0.82 -18.07
C LEU B 132 17.64 -1.72 -18.92
N ALA B 133 17.09 -2.26 -20.01
CA ALA B 133 17.84 -3.14 -20.91
C ALA B 133 18.93 -2.33 -21.63
N ASN B 134 18.66 -1.04 -21.84
CA ASN B 134 19.60 -0.14 -22.49
C ASN B 134 20.64 0.45 -21.56
N GLY B 135 20.29 0.63 -20.29
CA GLY B 135 21.13 1.32 -19.34
C GLY B 135 21.84 0.49 -18.28
N TYR B 136 21.62 -0.83 -18.27
CA TYR B 136 22.17 -1.71 -17.22
C TYR B 136 23.70 -1.68 -17.06
N ASN B 137 24.41 -1.44 -18.16
CA ASN B 137 25.87 -1.37 -18.12
C ASN B 137 26.37 0.05 -18.32
N ALA B 138 25.47 1.01 -18.19
CA ALA B 138 25.82 2.43 -18.21
C ALA B 138 26.27 2.83 -16.81
N SER B 139 26.93 3.98 -16.70
CA SER B 139 27.44 4.42 -15.40
C SER B 139 26.52 5.44 -14.72
N ASN B 140 25.22 5.20 -14.82
CA ASN B 140 24.25 6.01 -14.11
C ASN B 140 23.17 5.08 -13.54
N ARG B 141 22.24 5.67 -12.79
CA ARG B 141 21.04 5.00 -12.32
C ARG B 141 20.04 5.06 -13.47
N THR B 142 19.30 3.97 -13.72
CA THR B 142 18.29 4.00 -14.77
C THR B 142 16.98 3.67 -14.09
N THR B 143 15.92 4.40 -14.42
CA THR B 143 14.61 4.16 -13.82
C THR B 143 13.60 3.97 -14.92
N ALA B 144 12.67 3.05 -14.71
CA ALA B 144 11.58 2.82 -15.64
C ALA B 144 10.33 2.40 -14.85
N GLN B 145 9.17 2.55 -15.49
CA GLN B 145 7.91 2.23 -14.84
C GLN B 145 7.17 1.16 -15.63
N ASP B 146 6.49 0.26 -14.90
CA ASP B 146 5.62 -0.71 -15.53
C ASP B 146 4.53 -1.09 -14.51
N GLY B 147 3.78 -2.14 -14.79
CA GLY B 147 2.71 -2.55 -13.89
C GLY B 147 2.42 -4.02 -13.99
N PHE B 148 1.72 -4.54 -12.97
CA PHE B 148 1.14 -5.89 -13.05
C PHE B 148 -0.36 -5.72 -13.08
N THR B 149 -1.06 -6.67 -13.68
CA THR B 149 -2.50 -6.72 -13.54
C THR B 149 -2.83 -7.67 -12.39
N PHE B 150 -3.55 -7.12 -11.40
CA PHE B 150 -3.93 -7.87 -10.21
C PHE B 150 -5.39 -8.27 -10.33
N SER B 151 -5.71 -9.50 -9.97
CA SER B 151 -7.10 -9.97 -10.09
C SER B 151 -7.38 -10.95 -8.94
N ILE B 152 -8.64 -11.25 -8.65
CA ILE B 152 -8.94 -12.28 -7.67
C ILE B 152 -9.00 -13.59 -8.42
N ILE B 153 -8.19 -14.56 -8.00
CA ILE B 153 -8.10 -15.83 -8.72
C ILE B 153 -8.68 -17.03 -7.96
N SER B 154 -8.85 -16.89 -6.66
CA SER B 154 -9.49 -17.97 -5.88
C SER B 154 -10.03 -17.37 -4.58
N GLY B 155 -10.83 -18.13 -3.85
CA GLY B 155 -11.34 -17.65 -2.59
C GLY B 155 -11.92 -18.82 -1.80
N THR B 156 -12.13 -18.59 -0.52
CA THR B 156 -12.77 -19.55 0.38
C THR B 156 -13.86 -18.87 1.19
N THR B 157 -14.85 -19.63 1.62
CA THR B 157 -15.89 -19.07 2.49
C THR B 157 -15.43 -18.89 3.92
N ASN B 158 -14.41 -19.65 4.32
CA ASN B 158 -14.15 -19.84 5.74
C ASN B 158 -12.70 -20.19 6.01
N GLY B 159 -11.86 -20.01 4.99
CA GLY B 159 -10.45 -20.34 5.13
C GLY B 159 -10.05 -21.65 4.47
N THR B 160 -11.01 -22.57 4.31
CA THR B 160 -10.72 -23.90 3.77
CA THR B 160 -10.73 -23.92 3.79
C THR B 160 -11.62 -24.32 2.60
N THR B 161 -12.90 -23.96 2.64
CA THR B 161 -13.83 -24.32 1.57
C THR B 161 -13.59 -23.43 0.35
N ALA B 162 -13.00 -24.00 -0.70
CA ALA B 162 -12.81 -23.29 -1.99
C ALA B 162 -14.15 -22.98 -2.64
N VAL B 163 -14.31 -21.77 -3.14
CA VAL B 163 -15.51 -21.40 -3.80
C VAL B 163 -15.27 -21.47 -5.30
N THR B 164 -16.29 -21.80 -6.08
CA THR B 164 -16.19 -21.76 -7.53
C THR B 164 -16.82 -20.45 -8.04
N ASP B 165 -17.95 -20.15 -7.44
CA ASP B 165 -18.80 -19.07 -7.73
C ASP B 165 -18.63 -18.03 -6.65
N TYR B 166 -18.03 -16.88 -6.96
CA TYR B 166 -17.78 -15.86 -5.97
C TYR B 166 -19.06 -15.31 -5.28
N SER B 167 -20.22 -15.54 -5.91
CA SER B 167 -21.45 -15.09 -5.30
C SER B 167 -21.68 -15.86 -3.98
N THR B 168 -20.98 -16.94 -3.76
CA THR B 168 -21.19 -17.69 -2.52
C THR B 168 -20.41 -17.14 -1.29
N LEU B 169 -19.51 -16.21 -1.54
CA LEU B 169 -18.74 -15.58 -0.48
C LEU B 169 -19.62 -14.83 0.54
N PRO B 170 -19.20 -14.87 1.78
CA PRO B 170 -19.83 -14.05 2.80
C PRO B 170 -19.61 -12.56 2.55
N GLU B 171 -20.56 -11.73 2.94
CA GLU B 171 -20.38 -10.28 2.76
C GLU B 171 -19.28 -9.76 3.69
N GLY B 172 -18.64 -8.67 3.32
CA GLY B 172 -17.63 -8.05 4.19
C GLY B 172 -16.43 -7.53 3.43
N ILE B 173 -15.34 -7.35 4.16
CA ILE B 173 -14.11 -6.71 3.66
C ILE B 173 -12.94 -7.63 3.91
N TRP B 174 -12.11 -7.87 2.90
CA TRP B 174 -10.92 -8.70 3.05
C TRP B 174 -9.76 -7.73 2.89
N SER B 175 -8.68 -7.94 3.64
CA SER B 175 -7.48 -7.10 3.47
CA SER B 175 -7.47 -7.12 3.43
C SER B 175 -6.23 -7.94 3.62
N GLY B 176 -5.13 -7.49 3.01
CA GLY B 176 -3.89 -8.24 3.08
C GLY B 176 -2.87 -7.59 2.17
N ASP B 177 -1.61 -7.99 2.31
CA ASP B 177 -0.59 -7.44 1.44
C ASP B 177 -0.30 -8.39 0.30
N VAL B 178 -0.04 -7.82 -0.87
CA VAL B 178 0.35 -8.61 -2.03
C VAL B 178 1.78 -8.19 -2.28
N SER B 179 2.70 -9.15 -2.14
CA SER B 179 4.12 -8.84 -2.24
C SER B 179 4.80 -9.66 -3.33
N VAL B 180 5.63 -8.98 -4.11
CA VAL B 180 6.31 -9.55 -5.25
C VAL B 180 7.81 -9.33 -5.11
N GLN B 181 8.58 -10.42 -5.22
CA GLN B 181 10.05 -10.36 -5.16
C GLN B 181 10.62 -10.14 -6.56
N PHE B 182 11.47 -9.12 -6.70
CA PHE B 182 12.17 -8.87 -7.96
C PHE B 182 13.62 -9.29 -7.78
N ASP B 183 14.17 -9.95 -8.79
CA ASP B 183 15.55 -10.39 -8.77
C ASP B 183 16.30 -9.93 -10.02
N ALA B 184 17.38 -9.18 -9.81
CA ALA B 184 18.24 -8.67 -10.90
C ALA B 184 19.57 -9.43 -10.96
N THR B 185 20.03 -9.73 -12.17
CA THR B 185 21.33 -10.38 -12.32
C THR B 185 22.09 -9.70 -13.43
N TRP B 186 23.30 -9.24 -13.11
CA TRP B 186 24.21 -8.72 -14.12
C TRP B 186 25.29 -9.78 -14.33
N THR B 187 25.52 -10.15 -15.58
CA THR B 187 26.56 -11.13 -15.90
C THR B 187 27.63 -10.49 -16.76
N SER B 188 28.85 -11.02 -16.67
CA SER B 188 29.93 -10.63 -17.60
C SER B 188 30.71 -11.85 -18.11
I IOD C . 16.80 -7.00 6.08
I IOD C . 16.18 -7.40 6.77
I IOD D . 0.31 7.10 18.58
I IOD D . 1.02 7.75 17.69
I IOD D . 2.02 8.44 17.02
I IOD E . -0.64 6.59 -7.29
I IOD E . 0.11 7.06 -6.86
I IOD F . -33.20 20.65 6.42
I IOD G . 17.86 7.18 21.99
I IOD H . 23.61 11.47 2.14
I IOD H . 24.62 10.58 1.91
I IOD I . -18.64 7.74 -5.99
I IOD J . 24.30 1.19 -5.29
I IOD K . 3.38 5.40 17.86
I IOD L . -13.46 21.34 15.94
I IOD M . -25.88 8.68 -6.40
I IOD N . -16.03 -7.09 7.58
I IOD N . -15.46 -7.87 7.85
I IOD O . -11.84 -4.41 -14.90
I IOD P . -0.58 -17.85 -8.06
I IOD P . 0.22 -18.32 -7.49
I IOD P . 1.43 -19.70 -7.12
I IOD Q . 24.62 4.82 -10.22
I IOD R . 13.05 -3.84 -0.52
I IOD R . 13.37 -5.52 -0.10
I IOD R . 14.82 -8.07 -0.02
I IOD S . -24.43 4.16 0.49
I IOD T . -2.34 -18.43 -5.30
I IOD U . 20.27 -7.23 -2.32
I IOD V . 26.96 8.66 -14.24
I IOD W . -18.70 -22.73 -5.38
#